data_5APA
#
_entry.id   5APA
#
_cell.length_a   133.221
_cell.length_b   133.221
_cell.length_c   44.637
_cell.angle_alpha   90.00
_cell.angle_beta   90.00
_cell.angle_gamma   120.00
#
_symmetry.space_group_name_H-M   'P 31 2 1'
#
loop_
_entity.id
_entity.type
_entity.pdbx_description
1 polymer 'ASPARTYL/ASPARAGINYL BETA-HYDROXYLASE'
2 non-polymer 'NICKEL (II) ION'
3 non-polymer '(2S)-2-hydroxybutanedioic acid'
4 non-polymer 1,2-ETHANEDIOL
5 water water
#
_entity_poly.entity_id   1
_entity_poly.type   'polypeptide(L)'
_entity_poly.pdbx_seq_one_letter_code
;MHHHHHHSSGVDLGTENLYFQSMRSLYNVNGLKAQPWWTPKETGYTELVKSLERNWKLIRDEGLAVMDKAKGLFLPEDEN
LREKGDWSQFTLWQQGRRNENACKGAPKTCTLLEKFPETTGCRRGQIKYSIMHPGTHVWPHTGPTNCRLRMHLGLVIPKE
GCKIRCANETKTWEEGKVLIFDDSFEHEVWQDASSFRLIFIVDVWHPELTPQQRRSLPAI
;
_entity_poly.pdbx_strand_id   A
#
# COMPACT_ATOMS: atom_id res chain seq x y z
N SER A 25 13.83 12.87 -9.21
CA SER A 25 12.46 13.37 -9.18
C SER A 25 12.46 14.76 -8.55
N LEU A 26 11.40 15.52 -8.81
CA LEU A 26 11.27 16.87 -8.25
C LEU A 26 10.84 16.75 -6.79
N TYR A 27 10.44 15.55 -6.42
CA TYR A 27 9.83 15.32 -5.13
C TYR A 27 10.72 14.42 -4.28
N ASN A 28 12.03 14.63 -4.40
CA ASN A 28 12.99 13.88 -3.59
C ASN A 28 13.66 14.76 -2.55
N VAL A 29 14.03 14.15 -1.43
CA VAL A 29 14.87 14.78 -0.43
C VAL A 29 16.20 14.04 -0.40
N ASN A 30 17.29 14.77 -0.57
CA ASN A 30 18.61 14.16 -0.64
C ASN A 30 19.08 13.55 0.67
N GLY A 31 19.63 12.35 0.58
CA GLY A 31 20.32 11.75 1.69
C GLY A 31 19.46 10.81 2.53
N LEU A 32 18.16 10.79 2.25
CA LEU A 32 17.28 9.86 2.94
C LEU A 32 17.79 8.44 2.74
N LYS A 33 17.87 7.68 3.82
CA LYS A 33 18.32 6.29 3.75
C LYS A 33 17.61 5.57 2.61
N ALA A 34 18.40 4.94 1.75
CA ALA A 34 17.90 4.34 0.52
C ALA A 34 18.14 2.83 0.53
N GLN A 35 17.09 2.06 0.77
CA GLN A 35 17.16 0.61 0.61
C GLN A 35 15.80 0.08 0.14
N PRO A 36 15.84 -0.92 -0.74
CA PRO A 36 14.62 -1.47 -1.39
C PRO A 36 13.63 -1.97 -0.34
N TRP A 37 14.10 -2.78 0.60
CA TRP A 37 13.22 -3.41 1.58
C TRP A 37 13.56 -2.98 3.00
N TRP A 38 12.54 -2.73 3.81
CA TRP A 38 12.72 -2.29 5.18
C TRP A 38 12.09 -3.27 6.15
N THR A 39 12.71 -3.46 7.32
CA THR A 39 12.01 -4.12 8.41
C THR A 39 11.20 -3.09 9.17
N PRO A 40 10.15 -3.52 9.86
CA PRO A 40 9.38 -2.61 10.71
C PRO A 40 10.27 -1.84 11.68
N LYS A 41 11.20 -2.54 12.32
CA LYS A 41 12.07 -1.91 13.30
C LYS A 41 12.91 -0.80 12.66
N GLU A 42 13.42 -1.05 11.47
CA GLU A 42 14.18 -0.03 10.74
C GLU A 42 13.37 1.24 10.46
N THR A 43 12.07 1.11 10.24
CA THR A 43 11.24 2.28 9.95
C THR A 43 10.89 3.06 11.22
N GLY A 44 10.94 2.37 12.35
CA GLY A 44 10.53 2.96 13.61
C GLY A 44 9.03 2.96 13.81
N TYR A 45 8.27 2.60 12.79
CA TYR A 45 6.81 2.59 12.87
C TYR A 45 6.27 1.26 13.40
N THR A 46 6.83 0.81 14.50
CA THR A 46 6.53 -0.51 15.03
C THR A 46 5.09 -0.62 15.55
N GLU A 47 4.58 0.46 16.13
CA GLU A 47 3.21 0.45 16.65
C GLU A 47 2.22 0.34 15.50
N LEU A 48 2.48 1.06 14.42
CA LEU A 48 1.61 0.98 13.24
C LEU A 48 1.61 -0.44 12.68
N VAL A 49 2.79 -1.02 12.53
CA VAL A 49 2.88 -2.35 11.96
C VAL A 49 2.19 -3.37 12.87
N LYS A 50 2.45 -3.26 14.17
CA LYS A 50 1.82 -4.17 15.13
C LYS A 50 0.29 -4.07 15.04
N SER A 51 -0.21 -2.86 14.89
CA SER A 51 -1.65 -2.66 14.83
C SER A 51 -2.22 -3.23 13.53
N LEU A 52 -1.50 -3.04 12.43
CA LEU A 52 -1.93 -3.61 11.15
C LEU A 52 -2.01 -5.14 11.26
N GLU A 53 -0.99 -5.75 11.85
CA GLU A 53 -0.92 -7.20 11.94
C GLU A 53 -1.90 -7.74 12.99
N ARG A 54 -2.07 -7.03 14.11
CA ARG A 54 -3.07 -7.45 15.10
C ARG A 54 -4.46 -7.49 14.51
N ASN A 55 -4.78 -6.50 13.67
CA ASN A 55 -6.13 -6.30 13.16
C ASN A 55 -6.31 -6.72 11.72
N TRP A 56 -5.44 -7.59 11.21
CA TRP A 56 -5.45 -7.88 9.79
C TRP A 56 -6.78 -8.46 9.29
N LYS A 57 -7.40 -9.32 10.09
CA LYS A 57 -8.64 -9.96 9.66
C LYS A 57 -9.78 -8.94 9.64
N LEU A 58 -9.81 -8.07 10.64
CA LEU A 58 -10.77 -6.97 10.69
C LEU A 58 -10.65 -6.11 9.44
N ILE A 59 -9.41 -5.77 9.09
CA ILE A 59 -9.16 -4.98 7.89
C ILE A 59 -9.57 -5.74 6.63
N ARG A 60 -9.21 -7.02 6.57
CA ARG A 60 -9.57 -7.86 5.43
C ARG A 60 -11.08 -7.95 5.25
N ASP A 61 -11.78 -8.20 6.35
CA ASP A 61 -13.22 -8.38 6.29
C ASP A 61 -13.93 -7.15 5.75
N GLU A 62 -13.48 -5.97 6.15
CA GLU A 62 -14.09 -4.73 5.65
C GLU A 62 -13.79 -4.55 4.16
N GLY A 63 -12.61 -4.99 3.71
CA GLY A 63 -12.30 -4.97 2.29
C GLY A 63 -13.20 -5.94 1.53
N LEU A 64 -13.36 -7.13 2.06
CA LEU A 64 -14.19 -8.15 1.43
C LEU A 64 -15.64 -7.70 1.36
N ALA A 65 -16.11 -7.04 2.42
CA ALA A 65 -17.49 -6.57 2.47
C ALA A 65 -17.84 -5.62 1.32
N VAL A 66 -16.93 -4.72 0.96
CA VAL A 66 -17.24 -3.75 -0.08
C VAL A 66 -16.70 -4.21 -1.43
N MET A 67 -16.07 -5.39 -1.45
CA MET A 67 -15.39 -5.89 -2.63
C MET A 67 -16.34 -6.25 -3.77
N ASP A 68 -17.61 -6.45 -3.45
CA ASP A 68 -18.64 -6.70 -4.47
C ASP A 68 -18.58 -5.63 -5.56
N LYS A 69 -18.39 -6.07 -6.81
CA LYS A 69 -18.41 -5.15 -7.94
C LYS A 69 -19.84 -4.63 -8.14
N ALA A 70 -20.81 -5.47 -7.78
CA ALA A 70 -22.21 -5.08 -7.76
C ALA A 70 -22.38 -3.83 -6.90
N LYS A 71 -21.67 -3.82 -5.77
CA LYS A 71 -21.55 -2.63 -4.94
C LYS A 71 -20.81 -1.56 -5.73
N GLY A 72 -19.59 -1.88 -6.17
CA GLY A 72 -18.84 -1.04 -7.06
C GLY A 72 -17.99 0.03 -6.38
N LEU A 73 -17.43 -0.29 -5.23
CA LEU A 73 -16.62 0.68 -4.50
C LEU A 73 -15.14 0.56 -4.88
N PHE A 74 -14.73 -0.64 -5.29
CA PHE A 74 -13.43 -0.82 -5.88
C PHE A 74 -13.43 -0.27 -7.28
N LEU A 75 -12.44 0.56 -7.60
CA LEU A 75 -12.35 1.18 -8.90
C LEU A 75 -11.02 0.78 -9.52
N PRO A 76 -10.89 0.97 -10.84
CA PRO A 76 -9.64 0.56 -11.49
C PRO A 76 -8.44 1.26 -10.86
N GLU A 77 -7.34 0.53 -10.76
CA GLU A 77 -6.09 1.09 -10.29
C GLU A 77 -5.27 1.48 -11.52
N ASP A 78 -5.17 2.78 -11.78
CA ASP A 78 -4.40 3.31 -12.90
C ASP A 78 -3.08 3.97 -12.48
N GLU A 79 -2.68 3.75 -11.24
CA GLU A 79 -1.43 4.31 -10.71
C GLU A 79 -0.24 4.08 -11.63
N ASN A 80 -0.17 2.89 -12.20
CA ASN A 80 0.88 2.51 -13.12
C ASN A 80 0.37 1.54 -14.16
N LEU A 81 1.08 1.45 -15.28
CA LEU A 81 0.63 0.62 -16.38
C LEU A 81 0.78 -0.88 -16.08
N ARG A 82 -0.13 -1.68 -16.61
CA ARG A 82 0.01 -3.13 -16.47
C ARG A 82 0.05 -3.72 -17.86
N GLU A 83 0.76 -4.84 -17.99
CA GLU A 83 0.87 -5.52 -19.27
C GLU A 83 -0.44 -6.16 -19.64
N LYS A 84 -1.10 -6.71 -18.63
CA LYS A 84 -2.32 -7.50 -18.81
C LYS A 84 -2.93 -7.68 -17.44
N GLY A 85 -4.14 -8.23 -17.40
CA GLY A 85 -4.81 -8.52 -16.14
C GLY A 85 -5.60 -7.36 -15.60
N ASP A 86 -6.15 -7.52 -14.40
CA ASP A 86 -6.97 -6.48 -13.81
CA ASP A 86 -7.03 -6.53 -13.78
C ASP A 86 -6.51 -6.13 -12.40
N TRP A 87 -6.71 -4.88 -12.05
CA TRP A 87 -6.09 -4.29 -10.87
C TRP A 87 -6.99 -3.18 -10.37
N SER A 88 -7.42 -3.27 -9.11
CA SER A 88 -8.42 -2.37 -8.56
C SER A 88 -8.04 -1.88 -7.18
N GLN A 89 -8.64 -0.76 -6.78
CA GLN A 89 -8.30 -0.17 -5.49
C GLN A 89 -9.52 0.44 -4.83
N PHE A 90 -9.45 0.55 -3.51
CA PHE A 90 -10.46 1.22 -2.72
C PHE A 90 -9.70 2.09 -1.74
N THR A 91 -9.71 3.40 -1.99
CA THR A 91 -8.74 4.30 -1.36
C THR A 91 -9.36 5.02 -0.17
N LEU A 92 -8.76 4.87 1.01
CA LEU A 92 -9.27 5.51 2.22
C LEU A 92 -8.67 6.90 2.47
N TRP A 93 -7.37 7.03 2.22
CA TRP A 93 -6.66 8.31 2.33
C TRP A 93 -5.89 8.58 1.07
N GLN A 94 -5.84 9.85 0.69
CA GLN A 94 -5.11 10.27 -0.50
C GLN A 94 -4.42 11.59 -0.19
N GLN A 95 -3.09 11.62 -0.29
CA GLN A 95 -2.33 12.84 -0.03
C GLN A 95 -2.70 13.47 1.30
N GLY A 96 -2.89 12.64 2.33
CA GLY A 96 -3.19 13.17 3.65
C GLY A 96 -4.64 13.56 3.86
N ARG A 97 -5.48 13.32 2.86
CA ARG A 97 -6.89 13.65 2.98
C ARG A 97 -7.73 12.39 3.07
N ARG A 98 -8.54 12.31 4.12
CA ARG A 98 -9.44 11.18 4.33
C ARG A 98 -10.59 11.22 3.33
N ASN A 99 -10.84 10.11 2.64
CA ASN A 99 -12.01 9.99 1.79
CA ASN A 99 -12.01 9.96 1.79
C ASN A 99 -13.21 9.58 2.64
N GLU A 100 -14.09 10.54 2.90
CA GLU A 100 -15.21 10.32 3.83
C GLU A 100 -16.15 9.21 3.40
N ASN A 101 -16.52 9.19 2.12
CA ASN A 101 -17.44 8.17 1.65
C ASN A 101 -16.78 6.80 1.69
N ALA A 102 -15.49 6.76 1.40
CA ALA A 102 -14.74 5.50 1.47
C ALA A 102 -14.72 4.96 2.89
N CYS A 103 -14.48 5.83 3.87
CA CYS A 103 -14.38 5.39 5.26
C CYS A 103 -15.73 4.92 5.83
N LYS A 104 -16.83 5.42 5.28
CA LYS A 104 -18.14 4.86 5.65
C LYS A 104 -18.19 3.41 5.19
N GLY A 105 -17.44 3.09 4.15
CA GLY A 105 -17.35 1.72 3.66
C GLY A 105 -16.48 0.84 4.54
N ALA A 106 -15.42 1.41 5.10
CA ALA A 106 -14.51 0.67 5.97
C ALA A 106 -14.28 1.43 7.26
N PRO A 107 -15.34 1.56 8.07
CA PRO A 107 -15.31 2.46 9.22
C PRO A 107 -14.32 2.05 10.32
N LYS A 108 -14.21 0.75 10.56
CA LYS A 108 -13.34 0.29 11.64
C LYS A 108 -11.88 0.43 11.26
N THR A 109 -11.59 0.16 9.99
CA THR A 109 -10.24 0.31 9.49
C THR A 109 -9.83 1.78 9.54
N CYS A 110 -10.73 2.67 9.14
CA CYS A 110 -10.43 4.10 9.17
C CYS A 110 -10.23 4.60 10.60
N THR A 111 -11.09 4.16 11.51
CA THR A 111 -10.98 4.53 12.91
C THR A 111 -9.63 4.09 13.44
N LEU A 112 -9.20 2.90 13.01
CA LEU A 112 -7.94 2.34 13.44
C LEU A 112 -6.74 3.16 12.94
N LEU A 113 -6.76 3.52 11.67
CA LEU A 113 -5.66 4.24 11.05
C LEU A 113 -5.46 5.64 11.60
N GLU A 114 -6.56 6.23 12.06
CA GLU A 114 -6.54 7.60 12.55
C GLU A 114 -5.56 7.80 13.73
N LYS A 115 -5.17 6.70 14.35
CA LYS A 115 -4.21 6.75 15.44
C LYS A 115 -2.79 7.01 14.95
N PHE A 116 -2.58 6.94 13.64
CA PHE A 116 -1.24 6.96 13.08
C PHE A 116 -1.02 8.04 12.01
N PRO A 117 -0.76 9.26 12.47
CA PRO A 117 -0.53 10.40 11.57
C PRO A 117 0.64 10.17 10.61
N GLU A 118 1.58 9.29 10.97
CA GLU A 118 2.69 9.01 10.08
C GLU A 118 2.21 8.45 8.74
N THR A 119 1.00 7.89 8.70
CA THR A 119 0.43 7.48 7.42
C THR A 119 -0.75 8.36 6.97
N THR A 120 -1.67 8.70 7.87
CA THR A 120 -2.81 9.52 7.48
C THR A 120 -2.40 10.92 7.07
N GLY A 121 -1.30 11.40 7.65
CA GLY A 121 -0.77 12.71 7.31
C GLY A 121 0.31 12.67 6.23
N CYS A 122 0.54 11.50 5.64
CA CYS A 122 1.52 11.40 4.57
C CYS A 122 0.95 11.96 3.27
N ARG A 123 1.23 13.23 3.02
CA ARG A 123 0.69 13.95 1.87
C ARG A 123 1.35 13.52 0.57
N ARG A 124 2.32 12.62 0.66
CA ARG A 124 2.93 12.07 -0.53
C ARG A 124 2.63 10.59 -0.66
N GLY A 125 1.57 10.15 0.02
CA GLY A 125 1.20 8.75 -0.04
C GLY A 125 -0.30 8.52 -0.09
N GLN A 126 -0.67 7.26 0.02
CA GLN A 126 -2.07 6.87 0.08
C GLN A 126 -2.29 5.75 1.10
N ILE A 127 -3.55 5.49 1.40
CA ILE A 127 -3.96 4.33 2.17
C ILE A 127 -5.10 3.70 1.39
N LYS A 128 -4.92 2.44 0.97
CA LYS A 128 -5.90 1.83 0.09
C LYS A 128 -5.84 0.30 0.08
N TYR A 129 -7.00 -0.31 -0.10
CA TYR A 129 -7.07 -1.71 -0.50
C TYR A 129 -6.64 -1.81 -1.95
N SER A 130 -5.92 -2.87 -2.26
CA SER A 130 -5.46 -3.09 -3.62
C SER A 130 -5.73 -4.54 -3.99
N ILE A 131 -6.61 -4.76 -4.96
CA ILE A 131 -6.88 -6.12 -5.42
CA ILE A 131 -6.85 -6.11 -5.38
C ILE A 131 -6.22 -6.35 -6.75
N MET A 132 -5.51 -7.46 -6.88
CA MET A 132 -4.94 -7.82 -8.16
C MET A 132 -5.46 -9.18 -8.56
N HIS A 133 -5.94 -9.24 -9.79
CA HIS A 133 -6.63 -10.43 -10.28
C HIS A 133 -5.68 -11.31 -11.05
N PRO A 134 -6.12 -12.54 -11.36
CA PRO A 134 -5.27 -13.50 -12.07
C PRO A 134 -4.79 -12.98 -13.42
N GLY A 135 -3.58 -13.37 -13.78
CA GLY A 135 -3.03 -13.03 -15.08
C GLY A 135 -2.67 -11.55 -15.20
N THR A 136 -2.26 -10.95 -14.09
CA THR A 136 -1.87 -9.55 -14.11
C THR A 136 -0.36 -9.40 -13.95
N HIS A 137 0.20 -8.45 -14.67
CA HIS A 137 1.61 -8.10 -14.55
C HIS A 137 1.75 -6.60 -14.61
N VAL A 138 2.33 -6.00 -13.58
CA VAL A 138 2.56 -4.57 -13.56
C VAL A 138 4.01 -4.29 -13.95
N TRP A 139 4.19 -3.54 -15.04
CA TRP A 139 5.52 -3.26 -15.57
C TRP A 139 6.42 -2.66 -14.51
N PRO A 140 7.73 -2.92 -14.61
CA PRO A 140 8.71 -2.27 -13.72
C PRO A 140 8.51 -0.76 -13.76
N HIS A 141 8.43 -0.16 -12.57
CA HIS A 141 8.17 1.26 -12.46
C HIS A 141 8.70 1.77 -11.13
N THR A 142 8.74 3.09 -11.00
CA THR A 142 9.08 3.69 -9.72
C THR A 142 7.97 4.65 -9.30
N GLY A 143 7.77 4.80 -7.99
CA GLY A 143 6.86 5.82 -7.50
C GLY A 143 7.43 7.22 -7.71
N PRO A 144 6.65 8.24 -7.34
CA PRO A 144 7.03 9.62 -7.64
C PRO A 144 8.01 10.23 -6.63
N THR A 145 8.32 9.57 -5.52
CA THR A 145 9.05 10.27 -4.46
C THR A 145 9.83 9.36 -3.52
N ASN A 146 11.01 9.79 -3.09
CA ASN A 146 11.72 8.97 -2.11
C ASN A 146 11.31 9.33 -0.68
N CYS A 147 10.30 10.18 -0.55
CA CYS A 147 9.84 10.67 0.74
C CYS A 147 8.80 9.81 1.44
N ARG A 148 8.45 8.67 0.85
CA ARG A 148 7.51 7.76 1.51
C ARG A 148 8.08 6.35 1.51
N LEU A 149 7.66 5.54 2.48
CA LEU A 149 7.83 4.09 2.37
C LEU A 149 6.45 3.47 2.22
N ARG A 150 6.38 2.37 1.48
CA ARG A 150 5.12 1.72 1.19
C ARG A 150 4.98 0.41 1.94
N MET A 151 4.02 0.35 2.86
CA MET A 151 3.70 -0.91 3.55
C MET A 151 2.63 -1.70 2.81
N HIS A 152 2.84 -3.01 2.72
CA HIS A 152 1.82 -3.94 2.24
C HIS A 152 1.40 -4.91 3.35
N LEU A 153 0.13 -4.92 3.71
CA LEU A 153 -0.40 -5.92 4.62
C LEU A 153 -1.15 -7.00 3.82
N GLY A 154 -0.73 -8.26 3.97
CA GLY A 154 -1.41 -9.34 3.28
C GLY A 154 -2.79 -9.58 3.85
N LEU A 155 -3.81 -9.63 3.00
CA LEU A 155 -5.19 -9.90 3.45
C LEU A 155 -5.73 -11.21 2.90
N VAL A 156 -5.77 -11.32 1.58
CA VAL A 156 -6.07 -12.59 0.94
C VAL A 156 -4.97 -12.82 -0.10
N ILE A 157 -4.11 -13.78 0.19
CA ILE A 157 -2.97 -14.09 -0.65
C ILE A 157 -3.09 -15.52 -1.18
N PRO A 158 -3.21 -15.67 -2.49
CA PRO A 158 -3.26 -17.01 -3.09
C PRO A 158 -2.06 -17.83 -2.62
N LYS A 159 -2.26 -19.13 -2.44
CA LYS A 159 -1.21 -20.05 -2.01
C LYS A 159 0.05 -19.89 -2.86
N GLU A 160 -0.13 -19.71 -4.17
CA GLU A 160 0.98 -19.60 -5.10
C GLU A 160 0.70 -18.59 -6.20
N GLY A 161 1.75 -18.02 -6.78
CA GLY A 161 1.62 -17.27 -8.01
C GLY A 161 1.79 -15.76 -7.91
N CYS A 162 1.77 -15.24 -6.69
CA CYS A 162 1.90 -13.80 -6.52
C CYS A 162 3.26 -13.43 -5.93
N LYS A 163 3.89 -12.41 -6.52
CA LYS A 163 5.14 -11.94 -5.98
C LYS A 163 5.41 -10.50 -6.39
N ILE A 164 6.29 -9.85 -5.66
CA ILE A 164 6.67 -8.49 -5.97
C ILE A 164 8.18 -8.40 -5.90
N ARG A 165 8.78 -7.84 -6.93
CA ARG A 165 10.21 -7.56 -6.92
C ARG A 165 10.45 -6.09 -6.62
N CYS A 166 11.37 -5.80 -5.71
CA CYS A 166 11.82 -4.43 -5.55
C CYS A 166 13.33 -4.44 -5.69
N ALA A 167 13.84 -3.66 -6.62
CA ALA A 167 15.24 -3.68 -6.97
C ALA A 167 15.64 -5.10 -7.37
N ASN A 168 16.60 -5.69 -6.68
CA ASN A 168 17.01 -7.05 -7.01
C ASN A 168 16.49 -8.13 -6.08
N GLU A 169 15.54 -7.78 -5.21
CA GLU A 169 15.01 -8.78 -4.29
C GLU A 169 13.52 -9.01 -4.54
N THR A 170 13.15 -10.26 -4.76
CA THR A 170 11.77 -10.63 -5.00
C THR A 170 11.18 -11.26 -3.76
N LYS A 171 9.97 -10.86 -3.41
CA LYS A 171 9.33 -11.35 -2.21
C LYS A 171 7.89 -11.73 -2.47
N THR A 172 7.32 -12.48 -1.52
CA THR A 172 5.91 -12.82 -1.56
CA THR A 172 5.91 -12.84 -1.56
C THR A 172 5.21 -12.27 -0.32
N TRP A 173 3.90 -12.10 -0.41
CA TRP A 173 3.14 -11.61 0.73
C TRP A 173 2.71 -12.76 1.64
N GLU A 174 2.37 -12.44 2.87
CA GLU A 174 1.79 -13.40 3.80
C GLU A 174 0.59 -12.76 4.45
N GLU A 175 -0.47 -13.54 4.59
CA GLU A 175 -1.69 -13.05 5.20
C GLU A 175 -1.42 -12.67 6.64
N GLY A 176 -1.86 -11.48 7.03
CA GLY A 176 -1.65 -11.01 8.39
C GLY A 176 -0.27 -10.39 8.61
N LYS A 177 0.58 -10.35 7.58
CA LYS A 177 1.93 -9.80 7.76
C LYS A 177 2.22 -8.59 6.86
N VAL A 178 3.06 -7.71 7.39
CA VAL A 178 3.44 -6.49 6.69
C VAL A 178 4.80 -6.60 6.00
N LEU A 179 4.83 -6.25 4.72
CA LEU A 179 6.09 -6.03 4.00
C LEU A 179 6.25 -4.52 3.86
N ILE A 180 7.49 -4.06 3.85
CA ILE A 180 7.73 -2.63 3.66
C ILE A 180 8.81 -2.43 2.62
N PHE A 181 8.50 -1.65 1.59
CA PHE A 181 9.51 -1.36 0.59
C PHE A 181 9.48 0.12 0.23
N ASP A 182 10.63 0.58 -0.26
CA ASP A 182 10.78 1.92 -0.78
C ASP A 182 10.38 1.87 -2.25
N ASP A 183 9.18 2.36 -2.57
CA ASP A 183 8.69 2.19 -3.92
C ASP A 183 9.25 3.26 -4.85
N SER A 184 10.23 4.05 -4.39
CA SER A 184 10.96 4.90 -5.32
C SER A 184 12.06 4.09 -6.00
N PHE A 185 12.32 2.88 -5.49
CA PHE A 185 13.15 1.92 -6.22
C PHE A 185 12.27 1.28 -7.30
N GLU A 186 12.89 0.87 -8.41
CA GLU A 186 12.15 0.12 -9.42
C GLU A 186 11.55 -1.13 -8.80
N HIS A 187 10.24 -1.31 -9.00
CA HIS A 187 9.61 -2.53 -8.55
C HIS A 187 8.61 -3.02 -9.58
N GLU A 188 8.13 -4.24 -9.38
CA GLU A 188 7.43 -4.96 -10.43
C GLU A 188 6.58 -6.01 -9.74
N VAL A 189 5.40 -6.28 -10.28
CA VAL A 189 4.48 -7.18 -9.61
C VAL A 189 3.87 -8.18 -10.57
N TRP A 190 3.78 -9.44 -10.13
CA TRP A 190 3.14 -10.48 -10.92
C TRP A 190 2.01 -11.12 -10.14
N GLN A 191 0.92 -11.40 -10.85
CA GLN A 191 -0.20 -12.15 -10.30
C GLN A 191 -0.44 -13.34 -11.22
N ASP A 192 0.16 -14.47 -10.89
N ASP A 192 0.14 -14.49 -10.91
CA ASP A 192 0.06 -15.68 -11.68
CA ASP A 192 -0.05 -15.65 -11.78
C ASP A 192 -0.72 -16.76 -10.94
C ASP A 192 -0.89 -16.74 -11.11
N ALA A 193 -1.66 -16.35 -10.09
CA ALA A 193 -2.55 -17.29 -9.42
C ALA A 193 -3.85 -17.44 -10.20
N SER A 194 -4.78 -18.25 -9.67
CA SER A 194 -6.09 -18.43 -10.31
C SER A 194 -7.17 -17.68 -9.54
N SER A 195 -6.79 -17.06 -8.43
CA SER A 195 -7.76 -16.37 -7.59
C SER A 195 -7.20 -15.01 -7.21
N PHE A 196 -8.05 -14.11 -6.71
CA PHE A 196 -7.60 -12.74 -6.47
C PHE A 196 -6.62 -12.61 -5.32
N ARG A 197 -5.81 -11.55 -5.38
CA ARG A 197 -4.88 -11.22 -4.33
C ARG A 197 -5.26 -9.86 -3.73
N LEU A 198 -5.62 -9.87 -2.47
CA LEU A 198 -6.03 -8.64 -1.80
C LEU A 198 -4.99 -8.21 -0.78
N ILE A 199 -4.47 -6.99 -0.90
CA ILE A 199 -3.59 -6.44 0.13
C ILE A 199 -4.10 -5.09 0.61
N PHE A 200 -3.52 -4.64 1.71
CA PHE A 200 -3.80 -3.32 2.24
C PHE A 200 -2.50 -2.51 2.15
N ILE A 201 -2.57 -1.38 1.47
CA ILE A 201 -1.41 -0.55 1.23
C ILE A 201 -1.43 0.68 2.12
N VAL A 202 -0.36 0.85 2.88
CA VAL A 202 -0.25 1.95 3.83
C VAL A 202 1.08 2.69 3.63
N ASP A 203 1.01 3.92 3.12
CA ASP A 203 2.19 4.75 2.91
C ASP A 203 2.52 5.55 4.15
N VAL A 204 3.82 5.60 4.48
CA VAL A 204 4.28 6.42 5.58
C VAL A 204 5.38 7.36 5.10
N TRP A 205 5.47 8.52 5.75
CA TRP A 205 6.62 9.39 5.57
C TRP A 205 7.91 8.60 5.81
N HIS A 206 8.89 8.77 4.93
CA HIS A 206 10.23 8.29 5.24
C HIS A 206 10.60 8.77 6.66
N PRO A 207 11.07 7.85 7.52
CA PRO A 207 11.27 8.17 8.94
C PRO A 207 12.31 9.27 9.20
N GLU A 208 13.22 9.51 8.26
CA GLU A 208 14.24 10.54 8.48
C GLU A 208 13.77 11.93 8.08
N LEU A 209 12.53 12.06 7.61
CA LEU A 209 11.99 13.40 7.35
C LEU A 209 11.65 14.09 8.67
N THR A 210 12.07 15.35 8.82
CA THR A 210 11.79 16.11 10.03
C THR A 210 10.31 16.46 10.12
N PRO A 211 9.85 16.85 11.33
CA PRO A 211 8.46 17.29 11.42
C PRO A 211 8.21 18.53 10.54
N GLN A 212 9.18 19.44 10.46
CA GLN A 212 9.01 20.61 9.60
C GLN A 212 8.80 20.19 8.14
N GLN A 213 9.58 19.20 7.70
CA GLN A 213 9.44 18.71 6.33
C GLN A 213 8.09 18.03 6.11
N ARG A 214 7.64 17.27 7.11
CA ARG A 214 6.37 16.57 6.97
C ARG A 214 5.23 17.58 6.86
N ARG A 215 5.41 18.75 7.47
CA ARG A 215 4.38 19.78 7.44
C ARG A 215 4.38 20.60 6.15
N SER A 216 5.54 20.73 5.51
CA SER A 216 5.66 21.71 4.43
C SER A 216 5.84 21.10 3.05
N LEU A 217 6.24 19.83 2.97
CA LEU A 217 6.51 19.24 1.66
C LEU A 217 5.20 19.16 0.87
N PRO A 218 5.17 19.77 -0.30
CA PRO A 218 3.97 19.77 -1.15
C PRO A 218 3.53 18.36 -1.52
N ALA A 219 2.22 18.17 -1.56
CA ALA A 219 1.68 16.85 -1.85
C ALA A 219 2.00 16.38 -3.26
N ILE A 220 1.98 15.07 -3.44
CA ILE A 220 2.12 14.49 -4.76
C ILE A 220 1.37 13.17 -4.73
#